data_1NFX
#
_entry.id   1NFX
#
_cell.length_a   56.500
_cell.length_b   72.330
_cell.length_c   79.670
_cell.angle_alpha   90.00
_cell.angle_beta   90.00
_cell.angle_gamma   90.00
#
_symmetry.space_group_name_H-M   'P 21 21 21'
#
loop_
_entity.id
_entity.type
_entity.pdbx_description
1 polymer 'COAGULATION FACTOR XA, heavy chain'
2 polymer 'Coagulation factor XA, light chain'
3 non-polymer 'CALCIUM ION'
4 non-polymer 4-[(6-CHLORO-1-BENZOTHIEN-2-YL)SULFONYL]-1-{[1-(2-HYDROXYETHYL)-1H-PYRROLO[3,2-C]PYRIDIN-2-YL]METHYL}PIPERAZIN-2-ONE
5 water water
#
loop_
_entity_poly.entity_id
_entity_poly.type
_entity_poly.pdbx_seq_one_letter_code
_entity_poly.pdbx_strand_id
1 'polypeptide(L)'
;IVGGQECKDGECPWQALLINEENEGFCGGTILSEFYILTAAHCLYQAKRFKVRVGDRNTEQEEGGEAVHEVEVVIKHNRF
TKETYDFDIAVLRLKTPITFRMNVAPACLPERDWAESTLMTQKTGIVSGFGRTHEKGRQSTRLKMLEVPYVDRNSCKLSS
SFIITQNMFCAGYDTKQEDACQGDSGGPHVTRFKDTYFVTGIVSWGEGCARKGKYGIYTKVTAFLKWIDRSMKTRGLPKA
KSHAPEVITSSPLK
;
A
2 'polypeptide(L)'
;EEMKKGHLERECMEETCSYEEAREVFEDSDKTNEFWNKYKDGDQCETSPCQNQGKCKDGLGEYTCTCLEGFEGKNCELFT
RKLCSLDNGDCDQFCHEEQNSVVCSCARGYTLADNGKACIPTGPYPCGKQTLER
;
B
#
# COMPACT_ATOMS: atom_id res chain seq x y z
N ILE A 1 6.15 -0.04 12.90
CA ILE A 1 6.03 1.44 12.71
C ILE A 1 6.63 2.18 13.89
N VAL A 2 7.61 3.04 13.60
CA VAL A 2 8.26 3.84 14.63
C VAL A 2 7.58 5.20 14.64
N GLY A 3 7.15 5.64 15.82
CA GLY A 3 6.45 6.90 15.90
C GLY A 3 5.06 6.69 15.35
N GLY A 4 4.53 7.69 14.65
CA GLY A 4 3.21 7.54 14.08
C GLY A 4 2.10 7.38 15.10
N GLN A 5 0.92 6.98 14.63
CA GLN A 5 -0.21 6.81 15.50
C GLN A 5 -0.96 5.50 15.26
N GLU A 6 -1.84 5.15 16.20
CA GLU A 6 -2.66 3.94 16.11
C GLU A 6 -3.69 4.15 15.00
N CYS A 7 -3.96 3.12 14.20
CA CYS A 7 -5.01 3.27 13.19
C CYS A 7 -6.30 3.22 14.00
N LYS A 8 -7.11 4.27 13.89
CA LYS A 8 -8.38 4.31 14.61
C LYS A 8 -9.42 3.48 13.86
N ASP A 9 -10.56 3.25 14.49
CA ASP A 9 -11.62 2.43 13.90
C ASP A 9 -11.98 2.80 12.47
N GLY A 10 -11.81 1.85 11.57
CA GLY A 10 -12.13 2.05 10.17
C GLY A 10 -11.18 2.90 9.33
N GLU A 11 -10.04 3.28 9.91
CA GLU A 11 -9.06 4.11 9.23
C GLU A 11 -8.12 3.43 8.23
N CYS A 12 -7.75 2.18 8.50
CA CYS A 12 -6.84 1.43 7.64
C CYS A 12 -7.43 0.06 7.26
N PRO A 13 -8.61 0.07 6.62
CA PRO A 13 -9.33 -1.14 6.21
C PRO A 13 -8.70 -2.07 5.19
N TRP A 14 -7.72 -1.58 4.45
CA TRP A 14 -7.04 -2.35 3.41
C TRP A 14 -5.83 -3.11 3.93
N GLN A 15 -5.53 -2.96 5.20
CA GLN A 15 -4.40 -3.65 5.79
C GLN A 15 -4.67 -5.14 5.94
N ALA A 16 -3.73 -5.97 5.49
CA ALA A 16 -3.83 -7.42 5.59
C ALA A 16 -2.61 -7.84 6.41
N LEU A 17 -2.68 -9.02 7.02
CA LEU A 17 -1.55 -9.52 7.82
C LEU A 17 -1.23 -10.98 7.50
N LEU A 18 0.00 -11.23 7.10
CA LEU A 18 0.42 -12.60 6.78
C LEU A 18 0.78 -13.24 8.12
N ILE A 19 0.18 -14.39 8.40
CA ILE A 19 0.42 -15.10 9.65
C ILE A 19 1.00 -16.48 9.37
N ASN A 20 1.91 -16.93 10.22
CA ASN A 20 2.52 -18.25 10.04
C ASN A 20 1.72 -19.34 10.76
N GLU A 21 2.21 -20.57 10.66
CA GLU A 21 1.56 -21.72 11.28
C GLU A 21 1.36 -21.55 12.78
N GLU A 22 2.14 -20.67 13.40
CA GLU A 22 2.01 -20.43 14.83
C GLU A 22 1.15 -19.22 15.14
N ASN A 23 0.48 -18.69 14.12
CA ASN A 23 -0.44 -17.56 14.26
C ASN A 23 0.17 -16.17 14.54
N GLU A 24 1.47 -16.00 14.27
CA GLU A 24 2.10 -14.71 14.50
C GLU A 24 2.33 -14.00 13.16
N GLY A 25 1.98 -12.72 13.11
CA GLY A 25 2.16 -11.95 11.88
C GLY A 25 3.64 -11.78 11.59
N PHE A 26 4.02 -11.91 10.32
CA PHE A 26 5.43 -11.72 9.97
C PHE A 26 5.63 -10.75 8.81
N CYS A 27 4.55 -10.35 8.16
CA CYS A 27 4.63 -9.39 7.06
C CYS A 27 3.24 -8.78 6.88
N GLY A 28 3.17 -7.72 6.07
CA GLY A 28 1.90 -7.07 5.81
C GLY A 28 1.42 -7.28 4.38
N GLY A 29 0.30 -6.65 4.04
CA GLY A 29 -0.26 -6.78 2.71
C GLY A 29 -1.34 -5.74 2.50
N THR A 30 -1.82 -5.60 1.26
CA THR A 30 -2.87 -4.64 0.96
C THR A 30 -3.97 -5.38 0.25
N ILE A 31 -5.19 -5.15 0.70
CA ILE A 31 -6.33 -5.79 0.07
C ILE A 31 -6.56 -5.01 -1.22
N LEU A 32 -6.54 -5.72 -2.35
CA LEU A 32 -6.75 -5.09 -3.67
C LEU A 32 -8.17 -5.36 -4.16
N SER A 33 -8.71 -6.52 -3.78
CA SER A 33 -10.07 -6.91 -4.16
C SER A 33 -10.53 -8.06 -3.26
N GLU A 34 -11.70 -8.61 -3.54
CA GLU A 34 -12.23 -9.70 -2.69
C GLU A 34 -11.39 -10.96 -2.76
N PHE A 35 -10.66 -11.14 -3.85
CA PHE A 35 -9.83 -12.32 -4.02
C PHE A 35 -8.31 -12.09 -3.98
N TYR A 36 -7.86 -10.83 -4.05
CA TYR A 36 -6.42 -10.53 -4.09
C TYR A 36 -5.73 -9.65 -3.06
N ILE A 37 -4.56 -10.12 -2.61
CA ILE A 37 -3.74 -9.39 -1.65
C ILE A 37 -2.41 -9.04 -2.34
N LEU A 38 -1.95 -7.82 -2.14
CA LEU A 38 -0.69 -7.36 -2.71
C LEU A 38 0.33 -7.39 -1.58
N THR A 39 1.49 -7.99 -1.81
CA THR A 39 2.51 -8.05 -0.76
C THR A 39 3.94 -8.00 -1.34
N ALA A 40 4.95 -8.16 -0.48
CA ALA A 40 6.35 -8.15 -0.92
C ALA A 40 6.81 -9.56 -1.22
N ALA A 41 7.52 -9.75 -2.32
CA ALA A 41 8.02 -11.06 -2.71
C ALA A 41 9.03 -11.64 -1.71
N HIS A 42 9.76 -10.76 -1.03
CA HIS A 42 10.73 -11.23 -0.05
C HIS A 42 10.07 -11.78 1.20
N CYS A 43 8.75 -11.58 1.33
CA CYS A 43 8.02 -12.08 2.48
C CYS A 43 7.71 -13.56 2.31
N LEU A 44 7.55 -13.98 1.06
CA LEU A 44 7.25 -15.37 0.73
C LEU A 44 8.44 -16.25 1.01
N TYR A 45 9.38 -15.73 1.79
CA TYR A 45 10.58 -16.45 2.17
C TYR A 45 10.62 -16.47 3.69
N GLN A 46 9.57 -15.97 4.33
CA GLN A 46 9.50 -15.91 5.79
C GLN A 46 8.67 -17.01 6.43
N ALA A 47 8.08 -17.88 5.62
CA ALA A 47 7.27 -18.98 6.13
C ALA A 47 6.95 -20.04 5.06
N LYS A 48 7.05 -21.31 5.44
CA LYS A 48 6.78 -22.43 4.53
C LYS A 48 5.26 -22.49 4.31
N ARG A 49 4.51 -22.15 5.36
CA ARG A 49 3.06 -22.16 5.30
C ARG A 49 2.54 -20.90 6.01
N PHE A 50 1.61 -20.20 5.37
CA PHE A 50 1.03 -19.00 5.95
C PHE A 50 -0.38 -18.73 5.43
N LYS A 51 -1.09 -17.86 6.14
CA LYS A 51 -2.46 -17.48 5.79
C LYS A 51 -2.57 -15.96 5.89
N VAL A 52 -3.70 -15.42 5.46
CA VAL A 52 -3.93 -13.99 5.51
C VAL A 52 -5.07 -13.59 6.44
N ARG A 53 -4.81 -12.66 7.35
CA ARG A 53 -5.83 -12.18 8.27
C ARG A 53 -6.17 -10.73 7.93
N VAL A 54 -7.47 -10.43 7.85
CA VAL A 54 -7.93 -9.08 7.56
C VAL A 54 -8.81 -8.59 8.70
N GLY A 55 -9.02 -7.28 8.78
CA GLY A 55 -9.86 -6.71 9.82
C GLY A 55 -9.31 -6.69 11.24
N ASP A 56 -8.01 -6.88 11.39
CA ASP A 56 -7.38 -6.89 12.71
C ASP A 56 -6.77 -5.53 13.08
N ARG A 57 -6.86 -5.14 14.35
CA ARG A 57 -6.30 -3.88 14.82
C ARG A 57 -5.58 -4.03 16.16
N ASN A 58 -5.91 -5.09 16.88
CA ASN A 58 -5.32 -5.36 18.19
C ASN A 58 -5.22 -6.89 18.31
N THR A 59 -4.08 -7.43 17.94
CA THR A 59 -3.85 -8.86 17.99
C THR A 59 -3.99 -9.49 19.38
N GLU A 60 -4.14 -8.66 20.41
CA GLU A 60 -4.26 -9.14 21.79
C GLU A 60 -5.67 -9.47 22.30
N GLN A 61 -6.67 -9.34 21.43
CA GLN A 61 -8.06 -9.63 21.78
C GLN A 61 -8.85 -9.73 20.46
N GLU A 62 -10.05 -10.29 20.47
CA GLU A 62 -10.80 -10.42 19.22
C GLU A 62 -12.03 -9.48 19.15
N GLU A 63 -11.95 -8.43 18.32
CA GLU A 63 -13.07 -7.48 18.19
C GLU A 63 -14.26 -8.16 17.53
N GLY A 64 -13.96 -9.15 16.69
CA GLY A 64 -15.01 -9.87 16.01
C GLY A 64 -15.07 -9.62 14.52
N GLY A 65 -14.38 -8.58 14.05
CA GLY A 65 -14.39 -8.28 12.63
C GLY A 65 -13.26 -8.93 11.85
N GLU A 66 -12.42 -9.68 12.54
CA GLU A 66 -11.29 -10.37 11.93
C GLU A 66 -11.77 -11.54 11.08
N ALA A 67 -10.95 -11.93 10.11
CA ALA A 67 -11.29 -13.05 9.24
C ALA A 67 -9.99 -13.60 8.69
N VAL A 68 -9.78 -14.90 8.86
CA VAL A 68 -8.58 -15.53 8.35
C VAL A 68 -8.91 -16.17 7.00
N HIS A 69 -7.99 -16.02 6.06
CA HIS A 69 -8.16 -16.54 4.71
C HIS A 69 -6.96 -17.36 4.25
N GLU A 70 -7.24 -18.49 3.62
CA GLU A 70 -6.20 -19.37 3.12
C GLU A 70 -5.78 -18.91 1.71
N VAL A 71 -4.52 -19.13 1.37
CA VAL A 71 -4.05 -18.73 0.05
C VAL A 71 -4.20 -19.86 -0.95
N GLU A 72 -4.77 -19.57 -2.11
CA GLU A 72 -4.94 -20.59 -3.14
C GLU A 72 -3.77 -20.61 -4.12
N VAL A 73 -3.26 -19.44 -4.46
CA VAL A 73 -2.13 -19.35 -5.38
C VAL A 73 -1.25 -18.17 -5.02
N VAL A 74 0.05 -18.36 -5.14
CA VAL A 74 1.02 -17.31 -4.87
C VAL A 74 1.64 -16.90 -6.20
N ILE A 75 1.59 -15.62 -6.52
CA ILE A 75 2.16 -15.10 -7.77
C ILE A 75 3.31 -14.14 -7.46
N LYS A 76 4.53 -14.64 -7.57
CA LYS A 76 5.75 -13.87 -7.30
C LYS A 76 6.35 -13.36 -8.60
N HIS A 77 6.89 -12.15 -8.59
CA HIS A 77 7.49 -11.62 -9.81
C HIS A 77 8.68 -12.51 -10.17
N ASN A 78 8.72 -12.99 -11.40
CA ASN A 78 9.79 -13.87 -11.86
C ASN A 78 11.18 -13.24 -11.76
N ARG A 79 11.26 -11.91 -11.82
CA ARG A 79 12.55 -11.22 -11.77
C ARG A 79 12.99 -10.78 -10.37
N PHE A 80 12.33 -11.25 -9.32
CA PHE A 80 12.70 -10.87 -7.97
C PHE A 80 14.11 -11.36 -7.62
N THR A 81 14.92 -10.46 -7.08
CA THR A 81 16.29 -10.79 -6.70
C THR A 81 16.51 -10.47 -5.23
N LYS A 82 16.77 -11.51 -4.45
CA LYS A 82 16.99 -11.38 -3.02
C LYS A 82 18.21 -10.54 -2.64
N GLU A 83 19.26 -10.60 -3.45
CA GLU A 83 20.48 -9.83 -3.17
C GLU A 83 20.26 -8.33 -3.05
N THR A 84 19.40 -7.77 -3.89
CA THR A 84 19.15 -6.33 -3.90
C THR A 84 17.72 -5.85 -3.62
N TYR A 85 16.77 -6.80 -3.56
CA TYR A 85 15.36 -6.48 -3.31
C TYR A 85 14.67 -5.88 -4.53
N ASP A 86 15.26 -6.07 -5.70
CA ASP A 86 14.68 -5.53 -6.92
C ASP A 86 13.44 -6.36 -7.26
N PHE A 87 12.42 -5.72 -7.84
CA PHE A 87 11.18 -6.40 -8.20
C PHE A 87 10.58 -7.08 -6.96
N ASP A 88 10.46 -6.34 -5.87
CA ASP A 88 9.91 -6.84 -4.61
C ASP A 88 8.39 -6.71 -4.59
N ILE A 89 7.72 -7.56 -5.37
CA ILE A 89 6.27 -7.53 -5.48
C ILE A 89 5.70 -8.93 -5.71
N ALA A 90 4.56 -9.21 -5.06
CA ALA A 90 3.89 -10.50 -5.19
C ALA A 90 2.38 -10.31 -5.00
N VAL A 91 1.61 -11.17 -5.66
CA VAL A 91 0.17 -11.11 -5.57
C VAL A 91 -0.33 -12.46 -5.06
N LEU A 92 -1.28 -12.43 -4.11
CA LEU A 92 -1.86 -13.64 -3.53
C LEU A 92 -3.34 -13.79 -3.84
N ARG A 93 -3.75 -14.96 -4.33
CA ARG A 93 -5.16 -15.19 -4.61
C ARG A 93 -5.70 -16.10 -3.50
N LEU A 94 -6.76 -15.63 -2.84
CA LEU A 94 -7.38 -16.36 -1.74
C LEU A 94 -8.37 -17.44 -2.19
N LYS A 95 -8.47 -18.52 -1.42
CA LYS A 95 -9.39 -19.61 -1.74
C LYS A 95 -10.84 -19.12 -1.60
N THR A 96 -11.11 -18.30 -0.58
CA THR A 96 -12.46 -17.77 -0.38
C THR A 96 -12.45 -16.23 -0.46
N PRO A 97 -13.55 -15.63 -0.96
CA PRO A 97 -13.62 -14.17 -1.08
C PRO A 97 -13.74 -13.39 0.23
N ILE A 98 -13.17 -12.20 0.24
CA ILE A 98 -13.24 -11.36 1.43
C ILE A 98 -14.56 -10.59 1.46
N THR A 99 -15.25 -10.68 2.59
CA THR A 99 -16.51 -9.98 2.77
C THR A 99 -16.19 -8.62 3.37
N PHE A 100 -16.32 -7.58 2.56
CA PHE A 100 -16.04 -6.22 3.01
C PHE A 100 -17.01 -5.77 4.11
N ARG A 101 -16.44 -5.14 5.14
CA ARG A 101 -17.23 -4.68 6.27
C ARG A 101 -16.41 -3.61 6.99
N MET A 102 -16.85 -3.22 8.19
CA MET A 102 -16.11 -2.23 8.94
C MET A 102 -14.70 -2.80 9.13
N ASN A 103 -13.68 -1.99 8.83
CA ASN A 103 -12.27 -2.38 8.95
C ASN A 103 -11.80 -3.41 7.91
N VAL A 104 -12.58 -3.62 6.86
CA VAL A 104 -12.21 -4.57 5.81
C VAL A 104 -12.69 -4.01 4.47
N ALA A 105 -11.82 -3.34 3.72
CA ALA A 105 -12.17 -2.78 2.42
C ALA A 105 -10.89 -2.67 1.58
N PRO A 106 -11.02 -2.67 0.24
CA PRO A 106 -9.83 -2.57 -0.61
C PRO A 106 -9.38 -1.14 -0.90
N ALA A 107 -8.09 -1.01 -1.21
CA ALA A 107 -7.48 0.27 -1.58
C ALA A 107 -7.56 0.33 -3.11
N CYS A 108 -7.63 1.53 -3.67
CA CYS A 108 -7.73 1.68 -5.12
C CYS A 108 -6.37 1.63 -5.79
N LEU A 109 -6.33 0.97 -6.95
CA LEU A 109 -5.12 0.89 -7.75
C LEU A 109 -5.28 2.07 -8.72
N PRO A 110 -4.24 2.92 -8.86
CA PRO A 110 -4.37 4.06 -9.78
C PRO A 110 -3.86 3.73 -11.17
N GLU A 111 -3.87 4.73 -12.05
CA GLU A 111 -3.36 4.60 -13.42
C GLU A 111 -1.94 5.17 -13.30
N ARG A 112 -1.00 4.55 -14.01
CA ARG A 112 0.41 4.95 -13.96
C ARG A 112 0.76 6.43 -14.10
N ASP A 113 0.50 7.01 -15.27
CA ASP A 113 0.85 8.41 -15.51
C ASP A 113 0.24 9.37 -14.50
N TRP A 114 -1.07 9.28 -14.27
CA TRP A 114 -1.73 10.17 -13.32
C TRP A 114 -1.13 10.05 -11.92
N ALA A 115 -0.87 8.82 -11.48
CA ALA A 115 -0.30 8.59 -10.15
C ALA A 115 1.10 9.21 -9.96
N GLU A 116 2.00 8.94 -10.91
CA GLU A 116 3.36 9.46 -10.84
C GLU A 116 3.43 10.98 -10.91
N SER A 117 2.52 11.60 -11.66
CA SER A 117 2.51 13.06 -11.77
C SER A 117 1.73 13.77 -10.68
N THR A 118 0.61 13.18 -10.26
CA THR A 118 -0.24 13.82 -9.26
C THR A 118 -0.21 13.23 -7.85
N LEU A 119 -0.13 11.91 -7.73
CA LEU A 119 -0.12 11.29 -6.42
C LEU A 119 1.24 11.36 -5.76
N MET A 120 2.25 10.89 -6.48
CA MET A 120 3.62 10.85 -5.97
C MET A 120 4.32 12.20 -5.86
N THR A 121 3.66 13.25 -6.30
CA THR A 121 4.26 14.57 -6.22
C THR A 121 3.62 15.32 -5.05
N GLN A 122 2.79 14.60 -4.30
CA GLN A 122 2.11 15.14 -3.12
C GLN A 122 3.15 15.18 -2.02
N LYS A 123 2.87 15.89 -0.93
CA LYS A 123 3.82 15.98 0.16
C LYS A 123 4.06 14.65 0.86
N THR A 124 2.97 14.01 1.27
CA THR A 124 3.08 12.74 2.00
C THR A 124 2.26 11.56 1.50
N GLY A 125 2.58 10.41 2.08
CA GLY A 125 1.89 9.17 1.80
C GLY A 125 1.66 8.59 3.19
N ILE A 126 1.01 7.43 3.28
CA ILE A 126 0.77 6.83 4.58
C ILE A 126 1.21 5.38 4.57
N VAL A 127 2.00 4.99 5.55
CA VAL A 127 2.47 3.61 5.63
C VAL A 127 1.88 3.00 6.92
N SER A 128 1.61 1.70 6.93
CA SER A 128 1.03 1.09 8.12
C SER A 128 1.37 -0.38 8.35
N GLY A 129 1.21 -0.83 9.59
CA GLY A 129 1.50 -2.21 9.92
C GLY A 129 1.62 -2.58 11.39
N PHE A 130 1.88 -3.87 11.62
CA PHE A 130 2.05 -4.41 12.97
C PHE A 130 3.54 -4.65 13.25
N GLY A 131 4.42 -4.01 12.47
CA GLY A 131 5.85 -4.20 12.67
C GLY A 131 6.40 -3.57 13.94
N ARG A 132 7.71 -3.73 14.15
CA ARG A 132 8.36 -3.21 15.34
C ARG A 132 8.16 -1.71 15.53
N THR A 133 8.12 -1.30 16.78
CA THR A 133 7.94 0.10 17.15
C THR A 133 9.30 0.77 17.34
N HIS A 134 10.35 -0.04 17.40
CA HIS A 134 11.74 0.41 17.56
C HIS A 134 12.62 -0.61 16.85
N GLU A 135 13.76 -0.16 16.32
CA GLU A 135 14.68 -1.04 15.60
C GLU A 135 15.01 -2.33 16.35
N LYS A 136 15.22 -2.23 17.65
CA LYS A 136 15.54 -3.39 18.46
C LYS A 136 14.29 -3.78 19.25
N GLY A 137 13.22 -3.03 19.01
CA GLY A 137 11.96 -3.25 19.70
C GLY A 137 11.19 -4.50 19.28
N ARG A 138 10.07 -4.74 19.95
CA ARG A 138 9.24 -5.89 19.66
C ARG A 138 8.08 -5.48 18.77
N GLN A 139 7.48 -6.47 18.13
CA GLN A 139 6.35 -6.25 17.24
C GLN A 139 5.24 -5.54 18.02
N SER A 140 4.43 -4.75 17.31
CA SER A 140 3.32 -4.02 17.91
C SER A 140 2.08 -4.92 17.96
N THR A 141 1.27 -4.81 19.01
CA THR A 141 0.07 -5.62 19.10
C THR A 141 -1.08 -4.80 18.53
N ARG A 142 -0.81 -3.53 18.24
CA ARG A 142 -1.78 -2.61 17.67
C ARG A 142 -1.37 -2.17 16.26
N LEU A 143 -2.35 -2.07 15.37
CA LEU A 143 -2.08 -1.64 14.01
C LEU A 143 -1.78 -0.15 14.06
N LYS A 144 -0.64 0.23 13.48
CA LYS A 144 -0.21 1.63 13.46
C LYS A 144 -0.12 2.17 12.04
N MET A 145 -0.15 3.49 11.92
CA MET A 145 -0.04 4.18 10.65
C MET A 145 0.86 5.39 10.86
N LEU A 146 1.51 5.86 9.80
CA LEU A 146 2.41 7.01 9.87
C LEU A 146 2.49 7.75 8.53
N GLU A 147 2.43 9.07 8.61
CA GLU A 147 2.51 9.91 7.42
C GLU A 147 3.99 10.07 7.07
N VAL A 148 4.40 9.60 5.90
CA VAL A 148 5.80 9.69 5.49
C VAL A 148 5.98 10.54 4.23
N PRO A 149 6.74 11.64 4.34
CA PRO A 149 6.96 12.51 3.18
C PRO A 149 7.69 11.79 2.07
N TYR A 150 7.40 12.18 0.83
CA TYR A 150 8.09 11.58 -0.31
C TYR A 150 9.51 12.17 -0.27
N VAL A 151 10.51 11.38 -0.64
CA VAL A 151 11.89 11.84 -0.62
C VAL A 151 12.52 11.93 -2.00
N ASP A 152 13.23 13.03 -2.24
CA ASP A 152 13.92 13.29 -3.50
C ASP A 152 14.78 12.10 -3.91
N ARG A 153 14.50 11.59 -5.11
CA ARG A 153 15.21 10.45 -5.65
C ARG A 153 16.74 10.55 -5.55
N ASN A 154 17.30 11.71 -5.89
CA ASN A 154 18.74 11.89 -5.83
C ASN A 154 19.24 11.85 -4.39
N SER A 155 18.62 12.64 -3.52
CA SER A 155 19.02 12.65 -2.12
C SER A 155 18.99 11.25 -1.53
N CYS A 156 18.06 10.43 -2.00
CA CYS A 156 17.93 9.07 -1.48
C CYS A 156 19.03 8.17 -1.99
N LYS A 157 19.31 8.25 -3.28
CA LYS A 157 20.36 7.44 -3.88
C LYS A 157 21.68 7.75 -3.19
N LEU A 158 21.88 9.03 -2.88
CA LEU A 158 23.10 9.46 -2.21
C LEU A 158 23.22 8.91 -0.79
N SER A 159 22.09 8.89 -0.09
CA SER A 159 22.02 8.43 1.30
C SER A 159 22.13 6.92 1.52
N SER A 160 21.84 6.15 0.49
CA SER A 160 21.86 4.70 0.63
C SER A 160 23.18 4.00 0.32
N SER A 161 23.48 2.98 1.13
CA SER A 161 24.69 2.19 0.96
C SER A 161 24.43 1.09 -0.07
N PHE A 162 23.19 0.98 -0.51
CA PHE A 162 22.82 -0.03 -1.48
C PHE A 162 22.10 0.57 -2.69
N ILE A 163 22.03 -0.21 -3.75
CA ILE A 163 21.40 0.23 -4.99
C ILE A 163 19.90 0.48 -4.92
N ILE A 164 19.48 1.65 -5.40
CA ILE A 164 18.08 2.01 -5.45
C ILE A 164 17.74 1.86 -6.93
N THR A 165 17.04 0.80 -7.28
CA THR A 165 16.68 0.56 -8.66
C THR A 165 15.47 1.38 -9.11
N GLN A 166 15.14 1.26 -10.39
CA GLN A 166 14.03 1.98 -11.00
C GLN A 166 12.67 1.43 -10.56
N ASN A 167 12.70 0.35 -9.77
CA ASN A 167 11.51 -0.31 -9.27
C ASN A 167 11.27 0.06 -7.82
N MET A 168 11.98 1.07 -7.33
CA MET A 168 11.84 1.52 -5.94
C MET A 168 11.76 3.03 -5.85
N PHE A 169 11.37 3.51 -4.68
CA PHE A 169 11.28 4.93 -4.40
C PHE A 169 11.44 5.08 -2.90
N CYS A 170 11.72 6.29 -2.44
CA CYS A 170 11.94 6.53 -1.03
C CYS A 170 10.98 7.49 -0.34
N ALA A 171 10.82 7.31 0.96
CA ALA A 171 9.95 8.13 1.78
C ALA A 171 10.36 8.00 3.23
N GLY A 172 10.09 9.04 4.02
CA GLY A 172 10.45 9.01 5.42
C GLY A 172 11.08 10.31 5.88
N TYR A 173 11.89 10.23 6.94
CA TYR A 173 12.54 11.39 7.50
C TYR A 173 14.05 11.17 7.56
N ASP A 174 14.82 12.26 7.39
CA ASP A 174 16.27 12.18 7.45
C ASP A 174 16.71 11.85 8.87
N THR A 175 16.28 12.67 9.82
CA THR A 175 16.66 12.49 11.22
C THR A 175 15.49 12.17 12.16
N LYS A 176 14.30 12.67 11.85
CA LYS A 176 13.12 12.42 12.70
C LYS A 176 12.90 10.93 12.99
N GLN A 177 12.50 10.62 14.22
CA GLN A 177 12.28 9.23 14.62
C GLN A 177 10.93 8.64 14.21
N GLU A 178 10.69 8.55 12.92
CA GLU A 178 9.45 7.98 12.40
C GLU A 178 9.82 7.25 11.13
N ASP A 179 9.37 6.02 11.01
CA ASP A 179 9.68 5.22 9.84
C ASP A 179 9.05 3.85 10.01
N ALA A 180 9.03 3.05 8.95
CA ALA A 180 8.49 1.71 9.04
C ALA A 180 9.62 0.93 9.69
N CYS A 181 9.45 -0.37 9.86
CA CYS A 181 10.47 -1.20 10.46
C CYS A 181 10.16 -2.66 10.17
N GLN A 182 10.92 -3.57 10.76
CA GLN A 182 10.71 -5.01 10.54
C GLN A 182 9.30 -5.47 10.91
N GLY A 183 8.67 -6.23 10.02
CA GLY A 183 7.32 -6.73 10.26
C GLY A 183 6.27 -5.99 9.43
N ASP A 184 6.64 -4.79 8.98
CA ASP A 184 5.76 -3.95 8.17
C ASP A 184 5.93 -4.27 6.68
N SER A 185 6.97 -5.01 6.34
CA SER A 185 7.25 -5.36 4.95
C SER A 185 6.06 -6.01 4.29
N GLY A 186 5.86 -5.69 3.00
CA GLY A 186 4.74 -6.26 2.26
C GLY A 186 3.50 -5.43 2.49
N GLY A 187 3.54 -4.62 3.54
CA GLY A 187 2.42 -3.76 3.92
C GLY A 187 2.10 -2.63 2.96
N PRO A 188 1.00 -1.90 3.22
CA PRO A 188 0.59 -0.79 2.36
C PRO A 188 1.24 0.58 2.51
N HIS A 189 1.51 1.21 1.36
CA HIS A 189 1.99 2.57 1.31
C HIS A 189 0.89 3.17 0.43
N VAL A 190 0.11 4.10 0.97
CA VAL A 190 -0.97 4.69 0.18
C VAL A 190 -0.95 6.22 0.17
N THR A 191 -1.58 6.81 -0.84
CA THR A 191 -1.64 8.27 -0.92
C THR A 191 -3.09 8.69 -1.02
N ARG A 192 -3.44 9.71 -0.26
CA ARG A 192 -4.79 10.20 -0.24
C ARG A 192 -5.00 11.36 -1.21
N PHE A 193 -6.07 11.27 -1.99
CA PHE A 193 -6.41 12.29 -2.95
C PHE A 193 -7.90 12.54 -2.93
N LYS A 194 -8.30 13.67 -2.36
CA LYS A 194 -9.71 14.05 -2.27
C LYS A 194 -10.55 13.01 -1.48
N ASP A 195 -10.01 12.56 -0.36
CA ASP A 195 -10.65 11.61 0.54
C ASP A 195 -10.72 10.17 0.02
N THR A 196 -9.90 9.86 -0.97
CA THR A 196 -9.83 8.50 -1.52
C THR A 196 -8.37 8.11 -1.51
N TYR A 197 -8.10 6.90 -1.04
CA TYR A 197 -6.74 6.39 -0.92
C TYR A 197 -6.34 5.41 -2.02
N PHE A 198 -5.18 5.65 -2.64
CA PHE A 198 -4.66 4.81 -3.72
C PHE A 198 -3.35 4.15 -3.34
N VAL A 199 -3.16 2.90 -3.76
CA VAL A 199 -1.92 2.17 -3.49
C VAL A 199 -0.78 2.82 -4.27
N THR A 200 0.30 3.19 -3.59
CA THR A 200 1.44 3.79 -4.27
C THR A 200 2.76 3.08 -4.00
N GLY A 201 2.75 2.19 -3.02
CA GLY A 201 3.96 1.45 -2.69
C GLY A 201 3.74 0.20 -1.85
N ILE A 202 4.78 -0.60 -1.71
CA ILE A 202 4.76 -1.81 -0.91
C ILE A 202 5.96 -1.68 0.04
N VAL A 203 5.72 -1.69 1.36
CA VAL A 203 6.83 -1.60 2.31
C VAL A 203 7.88 -2.65 1.87
N SER A 204 9.09 -2.18 1.55
CA SER A 204 10.14 -3.09 1.10
C SER A 204 11.33 -3.23 2.04
N TRP A 205 12.15 -2.19 2.18
CA TRP A 205 13.30 -2.28 3.06
C TRP A 205 13.87 -0.95 3.51
N GLY A 206 14.93 -1.07 4.31
CA GLY A 206 15.62 0.10 4.82
C GLY A 206 16.87 -0.42 5.52
N GLU A 207 17.78 0.49 5.87
CA GLU A 207 18.98 0.10 6.58
C GLU A 207 18.65 0.39 8.03
N GLY A 208 18.19 -0.62 8.74
CA GLY A 208 17.79 -0.42 10.13
C GLY A 208 16.42 0.22 10.12
N CYS A 209 16.10 1.00 11.15
CA CYS A 209 14.80 1.65 11.22
C CYS A 209 14.91 3.06 11.80
N ALA A 210 14.43 4.04 11.06
CA ALA A 210 14.46 5.44 11.49
C ALA A 210 15.85 6.00 11.72
N ARG A 211 16.86 5.34 11.17
CA ARG A 211 18.24 5.79 11.33
C ARG A 211 18.44 7.15 10.68
N LYS A 212 19.30 7.98 11.28
CA LYS A 212 19.59 9.31 10.73
C LYS A 212 20.30 9.19 9.39
N GLY A 213 19.87 9.99 8.42
CA GLY A 213 20.49 9.94 7.10
C GLY A 213 20.06 8.74 6.27
N LYS A 214 19.06 8.00 6.74
CA LYS A 214 18.55 6.84 6.03
C LYS A 214 17.04 6.98 5.84
N TYR A 215 16.53 6.48 4.72
CA TYR A 215 15.11 6.56 4.41
C TYR A 215 14.45 5.20 4.28
N GLY A 216 13.13 5.19 4.15
CA GLY A 216 12.41 3.94 3.97
C GLY A 216 12.31 3.68 2.47
N ILE A 217 12.57 2.46 2.04
CA ILE A 217 12.49 2.14 0.62
C ILE A 217 11.26 1.28 0.29
N TYR A 218 10.50 1.73 -0.71
CA TYR A 218 9.27 1.06 -1.12
C TYR A 218 9.28 0.62 -2.57
N THR A 219 8.56 -0.46 -2.85
CA THR A 219 8.46 -0.95 -4.22
C THR A 219 7.61 0.07 -4.97
N LYS A 220 8.03 0.43 -6.19
CA LYS A 220 7.29 1.40 -6.99
C LYS A 220 6.13 0.68 -7.68
N VAL A 221 4.98 0.73 -7.03
CA VAL A 221 3.77 0.08 -7.53
C VAL A 221 3.40 0.59 -8.93
N THR A 222 3.52 1.90 -9.15
CA THR A 222 3.18 2.46 -10.45
C THR A 222 3.94 1.80 -11.59
N ALA A 223 5.06 1.18 -11.26
CA ALA A 223 5.86 0.50 -12.27
C ALA A 223 5.39 -0.91 -12.53
N PHE A 224 4.42 -1.40 -11.75
CA PHE A 224 3.95 -2.77 -11.93
C PHE A 224 2.46 -2.92 -12.15
N LEU A 225 1.78 -1.84 -12.51
CA LEU A 225 0.33 -1.90 -12.69
C LEU A 225 -0.14 -2.88 -13.76
N LYS A 226 0.58 -2.98 -14.86
CA LYS A 226 0.16 -3.91 -15.91
C LYS A 226 0.42 -5.32 -15.41
N TRP A 227 1.48 -5.48 -14.63
CA TRP A 227 1.82 -6.79 -14.08
C TRP A 227 0.74 -7.21 -13.08
N ILE A 228 0.34 -6.28 -12.21
CA ILE A 228 -0.67 -6.55 -11.20
C ILE A 228 -2.00 -6.92 -11.87
N ASP A 229 -2.36 -6.17 -12.91
CA ASP A 229 -3.59 -6.41 -13.63
C ASP A 229 -3.65 -7.79 -14.27
N ARG A 230 -2.50 -8.24 -14.78
CA ARG A 230 -2.44 -9.56 -15.40
C ARG A 230 -2.53 -10.66 -14.35
N SER A 231 -1.88 -10.44 -13.21
CA SER A 231 -1.89 -11.41 -12.14
C SER A 231 -3.30 -11.60 -11.54
N MET A 232 -4.09 -10.53 -11.56
CA MET A 232 -5.45 -10.59 -11.03
C MET A 232 -6.43 -11.20 -12.02
N LYS A 233 -5.89 -11.89 -13.01
CA LYS A 233 -6.69 -12.56 -14.03
C LYS A 233 -5.98 -13.89 -14.37
N THR A 234 -5.53 -14.59 -13.34
CA THR A 234 -4.84 -15.87 -13.50
C THR A 234 -4.77 -16.62 -12.18
N ARG B 81 0.30 26.42 -15.71
CA ARG B 81 -0.79 25.63 -15.06
C ARG B 81 -1.98 25.47 -16.01
N LYS B 82 -1.94 24.43 -16.84
CA LYS B 82 -3.00 24.16 -17.82
C LYS B 82 -3.56 22.74 -17.72
N LEU B 83 -4.85 22.58 -18.03
CA LEU B 83 -5.53 21.29 -18.02
C LEU B 83 -5.38 20.44 -16.74
N CYS B 84 -4.95 19.19 -16.91
CA CYS B 84 -4.77 18.30 -15.77
C CYS B 84 -3.78 18.81 -14.74
N SER B 85 -3.01 19.82 -15.10
CA SER B 85 -2.02 20.41 -14.19
C SER B 85 -2.64 21.54 -13.40
N LEU B 86 -3.83 21.96 -13.81
CA LEU B 86 -4.54 23.03 -13.12
C LEU B 86 -5.58 22.34 -12.23
N ASP B 87 -5.26 22.16 -10.95
CA ASP B 87 -6.15 21.51 -9.99
C ASP B 87 -6.74 20.18 -10.46
N ASN B 88 -5.88 19.30 -11.01
CA ASN B 88 -6.29 17.99 -11.48
C ASN B 88 -7.40 18.06 -12.53
N GLY B 89 -7.52 19.21 -13.19
CA GLY B 89 -8.52 19.38 -14.22
C GLY B 89 -9.96 19.35 -13.72
N ASP B 90 -10.13 19.53 -12.40
CA ASP B 90 -11.44 19.52 -11.75
C ASP B 90 -12.01 18.11 -11.62
N CYS B 91 -11.18 17.10 -11.91
CA CYS B 91 -11.58 15.71 -11.81
C CYS B 91 -11.46 15.20 -10.38
N ASP B 92 -12.32 14.25 -10.02
CA ASP B 92 -12.32 13.66 -8.69
C ASP B 92 -11.11 12.74 -8.57
N GLN B 93 -10.86 11.98 -9.64
CA GLN B 93 -9.76 11.02 -9.68
C GLN B 93 -8.85 11.18 -10.91
N PHE B 94 -8.76 10.16 -11.75
CA PHE B 94 -7.90 10.19 -12.94
C PHE B 94 -8.18 11.30 -13.94
N CYS B 95 -7.12 11.95 -14.42
CA CYS B 95 -7.21 13.04 -15.40
C CYS B 95 -6.30 12.71 -16.59
N HIS B 96 -6.84 12.82 -17.80
CA HIS B 96 -6.10 12.56 -19.02
C HIS B 96 -6.27 13.78 -19.94
N GLU B 97 -5.20 14.18 -20.63
CA GLU B 97 -5.31 15.32 -21.54
C GLU B 97 -5.37 14.78 -22.96
N GLU B 98 -6.49 15.05 -23.64
CA GLU B 98 -6.69 14.58 -25.01
C GLU B 98 -7.05 15.76 -25.93
N GLN B 99 -6.32 15.89 -27.05
CA GLN B 99 -6.57 16.96 -28.01
C GLN B 99 -6.66 18.32 -27.33
N ASN B 100 -5.76 18.57 -26.39
CA ASN B 100 -5.74 19.84 -25.64
C ASN B 100 -7.04 20.00 -24.83
N SER B 101 -7.54 18.88 -24.29
CA SER B 101 -8.76 18.89 -23.50
C SER B 101 -8.66 17.93 -22.32
N VAL B 102 -9.39 18.24 -21.24
CA VAL B 102 -9.37 17.39 -20.06
C VAL B 102 -10.44 16.30 -20.11
N VAL B 103 -10.04 15.06 -19.87
CA VAL B 103 -10.97 13.95 -19.85
C VAL B 103 -10.78 13.23 -18.50
N CYS B 104 -11.85 13.15 -17.70
CA CYS B 104 -11.78 12.52 -16.38
C CYS B 104 -12.26 11.06 -16.44
N SER B 105 -11.81 10.26 -15.47
CA SER B 105 -12.17 8.84 -15.36
C SER B 105 -12.03 8.37 -13.91
N CYS B 106 -12.49 7.16 -13.61
CA CYS B 106 -12.45 6.66 -12.23
C CYS B 106 -11.90 5.23 -12.05
N ALA B 107 -11.66 4.86 -10.80
CA ALA B 107 -11.16 3.53 -10.47
C ALA B 107 -12.26 2.50 -10.56
N ARG B 108 -11.90 1.23 -10.69
CA ARG B 108 -12.91 0.17 -10.79
C ARG B 108 -13.76 0.25 -9.54
N GLY B 109 -15.07 0.14 -9.72
CA GLY B 109 -15.97 0.22 -8.58
C GLY B 109 -16.60 1.59 -8.48
N TYR B 110 -16.28 2.44 -9.45
CA TYR B 110 -16.81 3.80 -9.51
C TYR B 110 -17.29 4.07 -10.92
N THR B 111 -18.19 5.05 -11.06
CA THR B 111 -18.68 5.45 -12.37
C THR B 111 -18.69 6.97 -12.43
N LEU B 112 -18.26 7.52 -13.57
CA LEU B 112 -18.22 8.97 -13.75
C LEU B 112 -19.62 9.59 -13.68
N ALA B 113 -19.76 10.65 -12.88
CA ALA B 113 -21.03 11.35 -12.74
C ALA B 113 -21.42 12.02 -14.05
N ASP B 114 -22.64 12.53 -14.10
CA ASP B 114 -23.14 13.20 -15.30
C ASP B 114 -22.31 14.43 -15.70
N ASN B 115 -21.55 15.00 -14.74
CA ASN B 115 -20.74 16.16 -15.07
C ASN B 115 -19.36 15.77 -15.59
N GLY B 116 -19.21 14.50 -15.91
CA GLY B 116 -17.96 14.00 -16.45
C GLY B 116 -16.74 14.29 -15.59
N LYS B 117 -16.96 14.64 -14.33
CA LYS B 117 -15.85 14.94 -13.44
C LYS B 117 -15.89 14.10 -12.17
N ALA B 118 -17.01 14.18 -11.46
CA ALA B 118 -17.20 13.45 -10.21
C ALA B 118 -17.22 11.93 -10.41
N CYS B 119 -16.85 11.19 -9.38
CA CYS B 119 -16.83 9.73 -9.44
C CYS B 119 -17.83 9.17 -8.41
N ILE B 120 -18.78 8.38 -8.90
CA ILE B 120 -19.83 7.79 -8.07
C ILE B 120 -19.61 6.31 -7.75
N PRO B 121 -19.55 5.96 -6.46
CA PRO B 121 -19.35 4.56 -6.07
C PRO B 121 -20.46 3.66 -6.63
N THR B 122 -20.07 2.52 -7.21
CA THR B 122 -21.01 1.59 -7.83
C THR B 122 -21.75 0.70 -6.83
N GLY B 123 -21.13 0.42 -5.69
CA GLY B 123 -21.78 -0.42 -4.70
C GLY B 123 -21.27 -0.15 -3.30
N PRO B 124 -21.48 -1.09 -2.36
CA PRO B 124 -21.03 -0.92 -0.98
C PRO B 124 -19.51 -1.20 -0.84
N TYR B 125 -18.87 -0.47 0.06
CA TYR B 125 -17.44 -0.60 0.32
C TYR B 125 -16.57 -0.41 -0.95
N PRO B 126 -16.61 0.80 -1.54
CA PRO B 126 -15.83 1.09 -2.74
C PRO B 126 -14.36 1.27 -2.34
N CYS B 127 -13.44 0.96 -3.23
CA CYS B 127 -12.02 1.07 -2.90
C CYS B 127 -11.63 2.49 -2.45
N GLY B 128 -10.56 2.56 -1.67
CA GLY B 128 -10.05 3.84 -1.21
C GLY B 128 -10.81 4.65 -0.20
N LYS B 129 -11.89 4.10 0.33
CA LYS B 129 -12.70 4.80 1.32
C LYS B 129 -12.54 4.17 2.71
N GLN B 130 -12.37 5.00 3.72
CA GLN B 130 -12.27 4.50 5.08
C GLN B 130 -13.70 4.07 5.46
N THR B 131 -13.82 3.01 6.25
CA THR B 131 -15.15 2.52 6.64
C THR B 131 -15.78 3.27 7.81
N LEU B 132 -17.03 3.71 7.63
CA LEU B 132 -17.74 4.44 8.66
C LEU B 132 -18.76 3.60 9.42
N GLU B 133 -19.02 2.39 8.92
CA GLU B 133 -19.97 1.48 9.54
C GLU B 133 -19.96 0.13 8.84
#